data_1G7C
#
_entry.id   1G7C
#
_cell.length_a   63.641
_cell.length_b   90.433
_cell.length_c   92.413
_cell.angle_alpha   90
_cell.angle_beta   90
_cell.angle_gamma   90
#
_symmetry.space_group_name_H-M   'P 21 21 21'
#
loop_
_entity.id
_entity.type
_entity.pdbx_description
1 polymer 'ELONGATION FACTOR 1-ALPHA'
2 polymer 'ELONGATION FACTOR 1-BETA'
3 non-polymer "GUANOSINE-5'-MONOPHOSPHATE"
4 water water
#
loop_
_entity_poly.entity_id
_entity_poly.type
_entity_poly.pdbx_seq_one_letter_code
_entity_poly.pdbx_strand_id
1 'polypeptide(L)'
;MGKEKSHINVVVIGHVDSGKSTTTGHLIYKCGGIDKRTIEKFEKEAAELGKGSFKYAWVLDKLKAERERGITIDIALWKF
ETPKYQVTVIDAPGHRDFIKNMITGTSQADCAILIIAGGVGEFEAGISKDGQTREHALLAFTLGVRQLIVAVNKMDSVKW
DESRFQEIVKETSNFIKKVGYNPKTVPFVPISGWNGDNMIEATTNAPWYKGWEKETKAGVVKGKTLLEAIDAIEQPSRPT
DKPLRLPLQDVYKIGGIGTVPVGRVETGVIKPGMVVTFAPAGVTTEVKSVEMHHEQLEQGVPGDNVGFNVKNVSVKEIRR
GNVCGDAKNDPPKGCASFNATVIVLNHPGQISAGYSPVLDCHTAHIACRFDELLEKNDRRSGKKLEDHPKFLKSGDAALV
KFVPSKPMCVEAFSEYPPLGRFAVRDMRQTVAVGVIKSVDKTEKAAKVTKAAQKAAKK
;
A
2 'polypeptide(L)'
;KPAKPAAKSIVTLDVKPWDDETNLEEMVANVKAIEMEGLTWGAHQFIPIGFGIKKLQINCVVEDDKVSLDDLQQSIEEDE
DHVQSTDIAAMQKL
;
B
#
# COMPACT_ATOMS: atom_id res chain seq x y z
N GLU A 4 12.30 -19.25 7.16
CA GLU A 4 11.02 -19.21 6.40
C GLU A 4 11.19 -18.31 5.17
N LYS A 5 10.57 -18.69 4.05
CA LYS A 5 10.65 -17.91 2.81
C LYS A 5 10.72 -16.45 3.23
N SER A 6 11.54 -15.66 2.56
CA SER A 6 11.60 -14.26 2.93
C SER A 6 10.31 -13.57 2.45
N HIS A 7 10.00 -12.43 3.06
CA HIS A 7 8.79 -11.67 2.72
C HIS A 7 9.06 -10.39 1.92
N ILE A 8 8.34 -10.24 0.80
CA ILE A 8 8.46 -9.04 -0.03
C ILE A 8 7.06 -8.57 -0.41
N ASN A 9 6.92 -7.28 -0.73
CA ASN A 9 5.64 -6.72 -1.15
C ASN A 9 5.72 -6.31 -2.61
N VAL A 10 4.63 -6.53 -3.32
CA VAL A 10 4.59 -6.18 -4.73
C VAL A 10 3.28 -5.46 -5.04
N VAL A 11 3.35 -4.41 -5.85
CA VAL A 11 2.16 -3.68 -6.27
C VAL A 11 2.12 -3.82 -7.79
N VAL A 12 0.97 -4.20 -8.33
CA VAL A 12 0.77 -4.37 -9.75
C VAL A 12 -0.05 -3.19 -10.26
N ILE A 13 0.48 -2.48 -11.25
CA ILE A 13 -0.20 -1.31 -11.79
C ILE A 13 -0.41 -1.45 -13.29
N GLY A 14 -1.33 -0.65 -13.82
CA GLY A 14 -1.62 -0.70 -15.24
C GLY A 14 -3.01 -0.15 -15.55
N HIS A 15 -3.19 0.18 -16.81
CA HIS A 15 -4.43 0.74 -17.33
C HIS A 15 -5.58 -0.23 -17.20
N VAL A 16 -6.80 0.29 -17.11
CA VAL A 16 -7.99 -0.55 -16.96
C VAL A 16 -8.12 -1.70 -17.95
N ASP A 17 -7.64 -1.54 -19.18
CA ASP A 17 -7.77 -2.61 -20.18
C ASP A 17 -6.52 -3.48 -20.31
N SER A 18 -5.56 -3.30 -19.41
CA SER A 18 -4.32 -4.06 -19.49
C SER A 18 -4.50 -5.54 -19.15
N GLY A 19 -5.49 -5.85 -18.32
CA GLY A 19 -5.70 -7.23 -17.92
C GLY A 19 -4.86 -7.57 -16.71
N LYS A 20 -4.53 -6.57 -15.89
CA LYS A 20 -3.71 -6.83 -14.72
C LYS A 20 -4.43 -7.62 -13.63
N SER A 21 -5.74 -7.51 -13.54
CA SER A 21 -6.47 -8.26 -12.52
C SER A 21 -6.44 -9.76 -12.81
N THR A 22 -6.66 -10.15 -14.06
CA THR A 22 -6.60 -11.56 -14.44
C THR A 22 -5.18 -12.05 -14.22
N THR A 23 -4.21 -11.23 -14.60
CA THR A 23 -2.81 -11.58 -14.44
C THR A 23 -2.45 -11.82 -12.98
N THR A 24 -2.78 -10.87 -12.13
CA THR A 24 -2.49 -11.00 -10.69
C THR A 24 -3.29 -12.17 -10.11
N GLY A 25 -4.55 -12.28 -10.53
CA GLY A 25 -5.41 -13.35 -10.05
C GLY A 25 -4.86 -14.73 -10.36
N HIS A 26 -4.29 -14.90 -11.55
CA HIS A 26 -3.69 -16.16 -12.00
C HIS A 26 -2.55 -16.57 -11.07
N LEU A 27 -1.70 -15.60 -10.71
CA LEU A 27 -0.57 -15.89 -9.83
C LEU A 27 -1.05 -16.36 -8.46
N ILE A 28 -2.01 -15.62 -7.90
CA ILE A 28 -2.56 -15.93 -6.59
C ILE A 28 -3.30 -17.28 -6.59
N TYR A 29 -3.98 -17.55 -7.70
CA TYR A 29 -4.75 -18.77 -7.88
C TYR A 29 -3.81 -19.97 -7.88
N LYS A 30 -2.79 -19.94 -8.73
CA LYS A 30 -1.87 -21.07 -8.83
C LYS A 30 -0.69 -21.10 -7.87
N CYS A 31 -0.39 -20.00 -7.20
CA CYS A 31 0.75 -19.96 -6.28
C CYS A 31 0.40 -19.60 -4.85
N GLY A 32 -0.89 -19.42 -4.58
CA GLY A 32 -1.29 -19.09 -3.22
C GLY A 32 -2.57 -19.79 -2.83
N GLY A 33 -3.19 -19.31 -1.76
CA GLY A 33 -4.43 -19.92 -1.30
C GLY A 33 -5.42 -18.91 -0.78
N ILE A 34 -6.02 -18.15 -1.69
CA ILE A 34 -7.00 -17.12 -1.33
C ILE A 34 -8.38 -17.55 -1.86
N ASP A 35 -9.39 -17.49 -0.99
CA ASP A 35 -10.76 -17.88 -1.37
C ASP A 35 -10.78 -19.21 -2.10
N LYS A 36 -9.98 -20.16 -1.64
CA LYS A 36 -9.92 -21.46 -2.32
C LYS A 36 -11.24 -22.23 -2.34
N ARG A 37 -12.08 -22.07 -1.33
CA ARG A 37 -13.35 -22.78 -1.33
C ARG A 37 -14.25 -22.26 -2.45
N THR A 38 -14.09 -21.00 -2.81
CA THR A 38 -14.86 -20.42 -3.89
C THR A 38 -14.28 -20.97 -5.20
N ILE A 39 -12.97 -20.98 -5.30
CA ILE A 39 -12.29 -21.51 -6.48
C ILE A 39 -12.75 -22.96 -6.70
N GLU A 40 -12.70 -23.76 -5.64
CA GLU A 40 -13.10 -25.17 -5.74
C GLU A 40 -14.53 -25.34 -6.27
N LYS A 41 -15.45 -24.53 -5.76
CA LYS A 41 -16.84 -24.59 -6.20
C LYS A 41 -16.94 -24.39 -7.71
N PHE A 42 -16.24 -23.38 -8.24
CA PHE A 42 -16.29 -23.11 -9.68
C PHE A 42 -15.51 -24.10 -10.56
N GLU A 43 -14.46 -24.71 -10.01
CA GLU A 43 -13.69 -25.69 -10.78
C GLU A 43 -14.60 -26.91 -11.04
N LYS A 44 -15.45 -27.17 -10.05
CA LYS A 44 -16.40 -28.28 -10.12
C LYS A 44 -17.55 -27.94 -11.07
N GLU A 45 -18.08 -26.74 -10.94
CA GLU A 45 -19.19 -26.28 -11.78
C GLU A 45 -18.80 -26.25 -13.26
N ALA A 46 -17.55 -25.86 -13.54
CA ALA A 46 -17.04 -25.76 -14.91
C ALA A 46 -17.21 -27.05 -15.73
N ALA A 47 -17.51 -28.15 -15.05
CA ALA A 47 -17.73 -29.43 -15.73
C ALA A 47 -18.88 -29.27 -16.74
N GLU A 48 -19.77 -28.33 -16.46
CA GLU A 48 -20.92 -28.05 -17.32
C GLU A 48 -20.53 -27.52 -18.70
N LEU A 49 -19.42 -26.80 -18.79
CA LEU A 49 -18.97 -26.22 -20.05
C LEU A 49 -18.75 -27.25 -21.17
N GLY A 50 -18.36 -28.45 -20.78
CA GLY A 50 -18.13 -29.50 -21.76
C GLY A 50 -18.17 -30.84 -21.08
N LYS A 51 -17.01 -31.47 -20.97
CA LYS A 51 -16.89 -32.77 -20.32
C LYS A 51 -15.93 -32.69 -19.13
N GLY A 52 -15.64 -31.47 -18.67
CA GLY A 52 -14.77 -31.31 -17.52
C GLY A 52 -13.62 -30.32 -17.59
N SER A 53 -13.07 -30.08 -18.77
CA SER A 53 -11.95 -29.16 -18.91
C SER A 53 -12.35 -27.71 -18.58
N PHE A 54 -11.43 -26.95 -17.99
CA PHE A 54 -11.71 -25.56 -17.67
C PHE A 54 -10.48 -24.67 -17.68
N LYS A 55 -10.67 -23.43 -18.13
CA LYS A 55 -9.61 -22.44 -18.19
C LYS A 55 -9.56 -21.72 -16.85
N TYR A 56 -8.36 -21.50 -16.33
CA TYR A 56 -8.21 -20.81 -15.05
C TYR A 56 -8.87 -19.43 -15.11
N ALA A 57 -8.78 -18.78 -16.26
CA ALA A 57 -9.35 -17.44 -16.45
C ALA A 57 -10.88 -17.45 -16.29
N TRP A 58 -11.50 -18.59 -16.58
CA TRP A 58 -12.95 -18.73 -16.45
C TRP A 58 -13.28 -18.71 -14.95
N VAL A 59 -12.52 -19.50 -14.20
CA VAL A 59 -12.71 -19.60 -12.76
C VAL A 59 -12.47 -18.24 -12.09
N LEU A 60 -11.48 -17.52 -12.59
CA LEU A 60 -11.18 -16.20 -12.06
C LEU A 60 -12.37 -15.28 -12.30
N ASP A 61 -12.95 -15.38 -13.50
CA ASP A 61 -14.11 -14.55 -13.81
C ASP A 61 -15.25 -14.78 -12.83
N LYS A 62 -15.53 -16.05 -12.53
CA LYS A 62 -16.62 -16.39 -11.62
C LYS A 62 -16.34 -15.97 -10.18
N LEU A 63 -15.06 -16.00 -9.80
CA LEU A 63 -14.66 -15.59 -8.45
C LEU A 63 -14.92 -14.09 -8.29
N LYS A 64 -14.59 -13.33 -9.33
CA LYS A 64 -14.77 -11.89 -9.31
C LYS A 64 -16.24 -11.56 -9.04
N ALA A 65 -17.14 -12.16 -9.81
CA ALA A 65 -18.57 -11.92 -9.64
C ALA A 65 -19.01 -12.33 -8.24
N GLU A 66 -18.45 -13.41 -7.71
CA GLU A 66 -18.79 -13.88 -6.38
C GLU A 66 -18.35 -12.81 -5.35
N ARG A 67 -17.15 -12.29 -5.52
CA ARG A 67 -16.64 -11.26 -4.63
C ARG A 67 -17.53 -10.02 -4.69
N GLU A 68 -17.98 -9.66 -5.90
CA GLU A 68 -18.85 -8.50 -6.08
C GLU A 68 -20.16 -8.66 -5.30
N ARG A 69 -20.62 -9.91 -5.13
CA ARG A 69 -21.85 -10.17 -4.39
C ARG A 69 -21.63 -10.00 -2.90
N GLY A 70 -20.36 -9.96 -2.50
CA GLY A 70 -20.04 -9.79 -1.10
C GLY A 70 -20.17 -11.06 -0.26
N ILE A 71 -20.18 -12.21 -0.93
CA ILE A 71 -20.32 -13.47 -0.21
C ILE A 71 -19.05 -14.31 -0.05
N THR A 72 -17.93 -13.87 -0.63
CA THR A 72 -16.69 -14.63 -0.45
C THR A 72 -16.23 -14.42 1.00
N ILE A 73 -15.36 -15.28 1.49
CA ILE A 73 -14.90 -15.20 2.87
C ILE A 73 -13.57 -14.50 3.21
N ASP A 74 -12.57 -14.61 2.35
CA ASP A 74 -11.27 -14.01 2.67
C ASP A 74 -11.18 -12.50 2.50
N ILE A 75 -10.31 -11.90 3.31
CA ILE A 75 -10.11 -10.48 3.27
C ILE A 75 -9.30 -10.06 2.04
N ALA A 76 -9.09 -8.76 1.86
CA ALA A 76 -8.37 -8.25 0.70
C ALA A 76 -6.84 -8.32 0.78
N LEU A 77 -6.31 -8.93 1.83
CA LEU A 77 -4.86 -9.10 1.99
C LEU A 77 -4.49 -10.37 1.21
N TRP A 78 -3.90 -10.19 0.04
CA TRP A 78 -3.57 -11.33 -0.82
C TRP A 78 -2.09 -11.69 -0.88
N LYS A 79 -1.81 -12.98 -0.86
CA LYS A 79 -0.43 -13.46 -0.90
C LYS A 79 -0.28 -14.68 -1.81
N PHE A 80 0.93 -14.88 -2.31
CA PHE A 80 1.24 -16.06 -3.11
C PHE A 80 2.73 -16.37 -2.93
N GLU A 81 3.14 -17.56 -3.31
CA GLU A 81 4.53 -17.96 -3.14
C GLU A 81 5.33 -18.15 -4.42
N THR A 82 6.64 -17.97 -4.28
CA THR A 82 7.60 -18.18 -5.36
C THR A 82 8.64 -19.09 -4.70
N PRO A 83 9.57 -19.64 -5.48
CA PRO A 83 10.57 -20.50 -4.85
C PRO A 83 11.22 -19.84 -3.63
N LYS A 84 11.62 -18.58 -3.77
CA LYS A 84 12.28 -17.84 -2.70
C LYS A 84 11.44 -16.98 -1.76
N TYR A 85 10.26 -16.55 -2.20
CA TYR A 85 9.47 -15.63 -1.36
C TYR A 85 8.00 -15.92 -1.11
N GLN A 86 7.49 -15.22 -0.11
CA GLN A 86 6.09 -15.25 0.23
C GLN A 86 5.80 -13.82 -0.21
N VAL A 87 4.99 -13.67 -1.25
CA VAL A 87 4.71 -12.35 -1.76
C VAL A 87 3.35 -11.80 -1.35
N THR A 88 3.35 -10.60 -0.80
CA THR A 88 2.13 -9.92 -0.41
C THR A 88 1.92 -8.98 -1.62
N VAL A 89 0.88 -9.23 -2.39
CA VAL A 89 0.62 -8.47 -3.60
C VAL A 89 -0.63 -7.58 -3.56
N ILE A 90 -0.55 -6.45 -4.24
CA ILE A 90 -1.67 -5.53 -4.31
C ILE A 90 -1.96 -5.20 -5.77
N ASP A 91 -3.14 -5.61 -6.24
CA ASP A 91 -3.54 -5.29 -7.60
C ASP A 91 -4.09 -3.88 -7.39
N ALA A 92 -3.25 -2.88 -7.64
CA ALA A 92 -3.61 -1.48 -7.44
C ALA A 92 -5.02 -1.06 -7.85
N PRO A 93 -5.83 -0.67 -6.86
CA PRO A 93 -7.20 -0.23 -7.13
C PRO A 93 -7.13 1.03 -7.97
N GLY A 94 -8.20 1.33 -8.72
CA GLY A 94 -8.22 2.56 -9.49
C GLY A 94 -8.77 3.66 -8.61
N HIS A 95 -9.37 3.24 -7.49
CA HIS A 95 -9.99 4.17 -6.56
C HIS A 95 -9.07 5.33 -6.18
N ARG A 96 -9.60 6.54 -6.26
CA ARG A 96 -8.80 7.72 -5.95
C ARG A 96 -8.30 7.80 -4.52
N ASP A 97 -9.01 7.17 -3.59
CA ASP A 97 -8.56 7.19 -2.20
C ASP A 97 -7.39 6.22 -1.97
N PHE A 98 -7.11 5.36 -2.96
CA PHE A 98 -5.99 4.45 -2.80
C PHE A 98 -4.64 5.16 -2.81
N ILE A 99 -4.58 6.36 -3.39
CA ILE A 99 -3.33 7.11 -3.47
C ILE A 99 -2.72 7.38 -2.08
N LYS A 100 -3.55 7.81 -1.13
CA LYS A 100 -3.07 8.07 0.22
C LYS A 100 -2.64 6.74 0.84
N ASN A 101 -3.49 5.73 0.67
CA ASN A 101 -3.23 4.41 1.21
C ASN A 101 -1.91 3.85 0.68
N MET A 102 -1.58 4.16 -0.56
CA MET A 102 -0.34 3.68 -1.17
C MET A 102 0.86 4.39 -0.53
N ILE A 103 0.67 5.66 -0.21
CA ILE A 103 1.70 6.49 0.40
C ILE A 103 1.91 6.24 1.91
N THR A 104 0.83 6.30 2.68
CA THR A 104 0.93 6.10 4.13
C THR A 104 0.49 4.74 4.64
N GLY A 105 -0.05 3.91 3.77
CA GLY A 105 -0.49 2.59 4.22
C GLY A 105 0.71 1.77 4.64
N THR A 106 0.46 0.63 5.26
CA THR A 106 1.54 -0.24 5.68
C THR A 106 1.96 -0.98 4.39
N SER A 107 2.95 -1.86 4.48
CA SER A 107 3.41 -2.65 3.34
C SER A 107 3.76 -1.88 2.05
N GLN A 108 4.80 -1.04 2.09
CA GLN A 108 5.22 -0.32 0.90
C GLN A 108 5.81 -1.39 -0.03
N ALA A 109 5.72 -1.19 -1.34
CA ALA A 109 6.21 -2.17 -2.29
C ALA A 109 7.72 -2.26 -2.41
N ASP A 110 8.22 -3.47 -2.68
CA ASP A 110 9.64 -3.69 -2.88
C ASP A 110 9.86 -3.69 -4.39
N CYS A 111 8.80 -4.01 -5.13
CA CYS A 111 8.84 -4.05 -6.58
C CYS A 111 7.47 -3.73 -7.17
N ALA A 112 7.47 -3.03 -8.30
CA ALA A 112 6.24 -2.70 -8.97
C ALA A 112 6.21 -3.51 -10.26
N ILE A 113 5.05 -4.03 -10.62
CA ILE A 113 4.92 -4.79 -11.86
C ILE A 113 3.95 -4.01 -12.73
N LEU A 114 4.44 -3.50 -13.84
CA LEU A 114 3.64 -2.72 -14.77
C LEU A 114 3.12 -3.62 -15.88
N ILE A 115 1.81 -3.81 -15.92
CA ILE A 115 1.19 -4.65 -16.94
C ILE A 115 0.78 -3.76 -18.11
N ILE A 116 1.28 -4.11 -19.29
CA ILE A 116 1.04 -3.35 -20.51
C ILE A 116 0.24 -4.15 -21.53
N ALA A 117 -0.85 -3.56 -22.00
CA ALA A 117 -1.70 -4.21 -22.99
C ALA A 117 -0.96 -4.14 -24.32
N GLY A 118 -0.93 -5.23 -25.08
CA GLY A 118 -0.23 -5.22 -26.35
C GLY A 118 -0.99 -4.72 -27.56
N GLY A 119 -2.31 -4.62 -27.47
CA GLY A 119 -3.10 -4.14 -28.60
C GLY A 119 -2.74 -2.70 -28.94
N VAL A 120 -2.73 -2.37 -30.24
CA VAL A 120 -2.37 -1.02 -30.64
C VAL A 120 -3.13 0.09 -29.91
N GLY A 121 -4.45 0.04 -29.95
CA GLY A 121 -5.23 1.07 -29.29
C GLY A 121 -5.10 1.11 -27.78
N GLU A 122 -5.12 -0.07 -27.16
CA GLU A 122 -5.03 -0.16 -25.71
C GLU A 122 -3.67 0.23 -25.18
N PHE A 123 -2.61 -0.07 -25.94
CA PHE A 123 -1.28 0.29 -25.49
C PHE A 123 -1.14 1.80 -25.37
N GLU A 124 -1.55 2.51 -26.42
CA GLU A 124 -1.45 3.97 -26.43
C GLU A 124 -2.28 4.62 -25.33
N ALA A 125 -3.51 4.12 -25.12
CA ALA A 125 -4.37 4.68 -24.09
C ALA A 125 -3.71 4.56 -22.72
N GLY A 126 -2.93 3.50 -22.54
CA GLY A 126 -2.27 3.25 -21.27
C GLY A 126 -1.10 4.11 -20.84
N ILE A 127 -0.31 4.62 -21.79
CA ILE A 127 0.84 5.45 -21.43
C ILE A 127 0.57 6.93 -21.47
N SER A 128 -0.70 7.32 -21.46
CA SER A 128 -1.02 8.75 -21.50
C SER A 128 -0.33 9.47 -20.35
N LYS A 129 0.08 10.68 -20.66
CA LYS A 129 0.77 11.54 -19.74
C LYS A 129 -0.10 11.86 -18.52
N ASP A 130 -1.41 11.79 -18.68
CA ASP A 130 -2.29 12.10 -17.57
C ASP A 130 -3.00 10.88 -17.01
N GLY A 131 -2.54 9.70 -17.42
CA GLY A 131 -3.17 8.49 -16.96
C GLY A 131 -2.89 8.08 -15.53
N GLN A 132 -3.79 7.30 -14.96
CA GLN A 132 -3.64 6.83 -13.58
C GLN A 132 -2.42 5.94 -13.48
N THR A 133 -2.13 5.23 -14.57
CA THR A 133 -0.99 4.33 -14.56
C THR A 133 0.34 5.05 -14.36
N ARG A 134 0.51 6.19 -15.02
CA ARG A 134 1.73 6.95 -14.89
C ARG A 134 1.82 7.49 -13.47
N GLU A 135 0.70 8.00 -12.96
CA GLU A 135 0.70 8.52 -11.59
C GLU A 135 1.17 7.44 -10.62
N HIS A 136 0.64 6.22 -10.79
CA HIS A 136 1.03 5.12 -9.92
C HIS A 136 2.53 4.84 -10.02
N ALA A 137 3.04 4.81 -11.26
CA ALA A 137 4.45 4.57 -11.51
C ALA A 137 5.27 5.68 -10.85
N LEU A 138 4.86 6.92 -11.05
CA LEU A 138 5.55 8.08 -10.45
C LEU A 138 5.55 7.96 -8.93
N LEU A 139 4.41 7.64 -8.35
CA LEU A 139 4.34 7.50 -6.89
C LEU A 139 5.30 6.42 -6.39
N ALA A 140 5.37 5.29 -7.09
CA ALA A 140 6.26 4.21 -6.69
C ALA A 140 7.71 4.67 -6.71
N PHE A 141 8.09 5.28 -7.83
CA PHE A 141 9.45 5.78 -7.97
C PHE A 141 9.76 6.79 -6.88
N THR A 142 8.86 7.76 -6.68
CA THR A 142 9.07 8.77 -5.66
C THR A 142 9.23 8.16 -4.28
N LEU A 143 8.49 7.09 -3.99
CA LEU A 143 8.56 6.43 -2.69
C LEU A 143 9.72 5.45 -2.61
N GLY A 144 10.64 5.52 -3.57
CA GLY A 144 11.80 4.63 -3.54
C GLY A 144 11.63 3.19 -4.00
N VAL A 145 10.53 2.88 -4.67
CA VAL A 145 10.33 1.53 -5.19
C VAL A 145 11.21 1.49 -6.43
N ARG A 146 12.45 1.04 -6.27
CA ARG A 146 13.37 1.02 -7.42
C ARG A 146 13.35 -0.22 -8.28
N GLN A 147 12.69 -1.29 -7.83
CA GLN A 147 12.64 -2.50 -8.64
C GLN A 147 11.33 -2.52 -9.41
N LEU A 148 11.45 -2.75 -10.71
CA LEU A 148 10.29 -2.78 -11.59
C LEU A 148 10.39 -3.95 -12.55
N ILE A 149 9.22 -4.50 -12.89
CA ILE A 149 9.11 -5.60 -13.84
C ILE A 149 7.99 -5.18 -14.79
N VAL A 150 8.21 -5.35 -16.09
CA VAL A 150 7.19 -5.02 -17.06
C VAL A 150 6.69 -6.28 -17.76
N ALA A 151 5.37 -6.45 -17.80
CA ALA A 151 4.80 -7.60 -18.48
C ALA A 151 3.88 -7.07 -19.58
N VAL A 152 4.18 -7.48 -20.82
CA VAL A 152 3.38 -7.08 -21.97
C VAL A 152 2.34 -8.15 -22.14
N ASN A 153 1.12 -7.83 -21.69
CA ASN A 153 0.00 -8.75 -21.72
C ASN A 153 -0.76 -8.74 -23.05
N LYS A 154 -1.63 -9.73 -23.24
CA LYS A 154 -2.46 -9.86 -24.43
C LYS A 154 -1.65 -10.15 -25.69
N MET A 155 -0.51 -10.80 -25.53
CA MET A 155 0.33 -11.11 -26.68
C MET A 155 -0.40 -11.98 -27.69
N ASP A 156 -1.47 -12.63 -27.25
CA ASP A 156 -2.27 -13.47 -28.15
C ASP A 156 -3.03 -12.61 -29.14
N SER A 157 -3.50 -11.44 -28.70
CA SER A 157 -4.27 -10.55 -29.57
C SER A 157 -3.42 -9.95 -30.68
N VAL A 158 -2.09 -10.00 -30.55
CA VAL A 158 -1.21 -9.49 -31.60
C VAL A 158 -0.39 -10.65 -32.16
N LYS A 159 -0.98 -11.84 -32.06
CA LYS A 159 -0.39 -13.08 -32.58
C LYS A 159 1.06 -13.33 -32.20
N TRP A 160 1.43 -13.01 -30.97
CA TRP A 160 2.80 -13.20 -30.51
C TRP A 160 3.83 -12.71 -31.53
N ASP A 161 3.60 -11.53 -32.08
CA ASP A 161 4.50 -10.93 -33.08
C ASP A 161 5.70 -10.31 -32.36
N GLU A 162 6.91 -10.73 -32.76
CA GLU A 162 8.15 -10.22 -32.15
C GLU A 162 8.32 -8.70 -32.32
N SER A 163 8.13 -8.20 -33.54
CA SER A 163 8.26 -6.76 -33.79
C SER A 163 7.30 -5.93 -32.93
N ARG A 164 6.06 -6.40 -32.76
CA ARG A 164 5.13 -5.66 -31.94
C ARG A 164 5.65 -5.63 -30.50
N PHE A 165 6.17 -6.76 -30.04
CA PHE A 165 6.72 -6.82 -28.68
C PHE A 165 7.89 -5.85 -28.53
N GLN A 166 8.78 -5.84 -29.52
CA GLN A 166 9.96 -4.98 -29.48
C GLN A 166 9.59 -3.50 -29.48
N GLU A 167 8.60 -3.11 -30.28
CA GLU A 167 8.19 -1.71 -30.32
C GLU A 167 7.58 -1.33 -28.99
N ILE A 168 6.79 -2.24 -28.42
CA ILE A 168 6.18 -1.98 -27.14
C ILE A 168 7.27 -1.82 -26.07
N VAL A 169 8.29 -2.68 -26.11
CA VAL A 169 9.39 -2.57 -25.14
C VAL A 169 10.04 -1.19 -25.31
N LYS A 170 10.28 -0.81 -26.55
CA LYS A 170 10.87 0.48 -26.86
C LYS A 170 10.10 1.65 -26.25
N GLU A 171 8.81 1.74 -26.59
CA GLU A 171 7.97 2.83 -26.10
C GLU A 171 7.75 2.80 -24.60
N THR A 172 7.70 1.61 -24.04
CA THR A 172 7.50 1.48 -22.60
C THR A 172 8.77 1.91 -21.87
N SER A 173 9.92 1.62 -22.47
CA SER A 173 11.18 2.02 -21.85
C SER A 173 11.23 3.55 -21.79
N ASN A 174 10.78 4.20 -22.86
CA ASN A 174 10.75 5.66 -22.91
C ASN A 174 9.80 6.12 -21.79
N PHE A 175 8.61 5.54 -21.76
CA PHE A 175 7.60 5.85 -20.74
C PHE A 175 8.18 5.75 -19.31
N ILE A 176 8.79 4.61 -18.96
CA ILE A 176 9.33 4.47 -17.61
C ILE A 176 10.60 5.28 -17.37
N LYS A 177 11.34 5.59 -18.45
CA LYS A 177 12.56 6.36 -18.28
C LYS A 177 12.20 7.78 -17.86
N LYS A 178 11.15 8.32 -18.45
CA LYS A 178 10.69 9.67 -18.12
C LYS A 178 10.24 9.70 -16.66
N VAL A 179 9.75 8.57 -16.17
CA VAL A 179 9.34 8.48 -14.78
C VAL A 179 10.61 8.50 -13.92
N GLY A 180 11.62 7.75 -14.36
CA GLY A 180 12.88 7.70 -13.63
C GLY A 180 13.58 6.35 -13.60
N TYR A 181 12.87 5.28 -13.93
CA TYR A 181 13.47 3.95 -13.92
C TYR A 181 14.46 3.76 -15.06
N ASN A 182 15.53 3.01 -14.79
CA ASN A 182 16.54 2.70 -15.80
C ASN A 182 16.05 1.42 -16.47
N PRO A 183 15.56 1.52 -17.71
CA PRO A 183 15.08 0.32 -18.40
C PRO A 183 15.99 -0.90 -18.39
N LYS A 184 17.30 -0.68 -18.36
CA LYS A 184 18.23 -1.80 -18.36
C LYS A 184 18.11 -2.72 -17.15
N THR A 185 17.48 -2.23 -16.09
CA THR A 185 17.32 -3.03 -14.85
C THR A 185 15.93 -3.64 -14.78
N VAL A 186 15.14 -3.42 -15.83
CA VAL A 186 13.77 -3.92 -15.88
C VAL A 186 13.51 -5.10 -16.81
N PRO A 187 13.03 -6.23 -16.27
CA PRO A 187 12.76 -7.39 -17.12
C PRO A 187 11.46 -7.10 -17.90
N PHE A 188 11.43 -7.42 -19.18
CA PHE A 188 10.23 -7.23 -20.01
C PHE A 188 9.75 -8.61 -20.40
N VAL A 189 8.61 -9.02 -19.85
CA VAL A 189 8.06 -10.35 -20.11
C VAL A 189 6.79 -10.36 -20.96
N PRO A 190 6.86 -10.95 -22.16
CA PRO A 190 5.67 -11.01 -23.00
C PRO A 190 4.80 -12.12 -22.43
N ILE A 191 3.55 -11.80 -22.08
CA ILE A 191 2.68 -12.80 -21.48
C ILE A 191 1.25 -12.79 -21.99
N SER A 192 0.50 -13.79 -21.54
CA SER A 192 -0.93 -13.90 -21.80
C SER A 192 -1.51 -14.29 -20.46
N GLY A 193 -2.09 -13.32 -19.75
CA GLY A 193 -2.68 -13.60 -18.46
C GLY A 193 -3.86 -14.55 -18.57
N TRP A 194 -4.51 -14.54 -19.71
CA TRP A 194 -5.65 -15.41 -19.92
C TRP A 194 -5.25 -16.83 -20.30
N ASN A 195 -4.27 -16.95 -21.20
CA ASN A 195 -3.83 -18.27 -21.63
C ASN A 195 -2.68 -18.85 -20.83
N GLY A 196 -2.13 -18.05 -19.92
CA GLY A 196 -1.03 -18.53 -19.08
C GLY A 196 0.38 -18.48 -19.65
N ASP A 197 0.54 -18.01 -20.87
CA ASP A 197 1.88 -17.97 -21.46
C ASP A 197 2.89 -17.16 -20.64
N ASN A 198 4.03 -17.77 -20.35
CA ASN A 198 5.09 -17.15 -19.56
C ASN A 198 4.64 -16.66 -18.21
N MET A 199 3.55 -17.21 -17.70
CA MET A 199 3.10 -16.81 -16.37
C MET A 199 3.92 -17.63 -15.38
N ILE A 200 3.64 -18.93 -15.34
CA ILE A 200 4.35 -19.85 -14.46
C ILE A 200 5.22 -20.79 -15.31
N GLU A 201 4.73 -21.13 -16.50
CA GLU A 201 5.47 -22.00 -17.42
C GLU A 201 5.74 -21.20 -18.69
N ALA A 202 6.87 -21.49 -19.35
CA ALA A 202 7.26 -20.80 -20.56
C ALA A 202 6.29 -21.05 -21.71
N THR A 203 6.13 -20.05 -22.56
CA THR A 203 5.24 -20.13 -23.72
C THR A 203 5.81 -21.01 -24.83
N THR A 204 4.93 -21.50 -25.69
CA THR A 204 5.33 -22.30 -26.85
C THR A 204 4.75 -21.61 -28.09
N ASN A 205 4.29 -20.37 -27.90
CA ASN A 205 3.73 -19.60 -29.00
C ASN A 205 4.70 -18.57 -29.59
N ALA A 206 5.93 -18.53 -29.10
CA ALA A 206 6.89 -17.56 -29.62
C ALA A 206 8.32 -18.09 -29.70
N PRO A 207 8.64 -18.77 -30.82
CA PRO A 207 9.96 -19.34 -31.04
C PRO A 207 11.06 -18.28 -30.90
N TRP A 208 10.75 -17.06 -31.30
CA TRP A 208 11.70 -15.95 -31.23
C TRP A 208 12.06 -15.50 -29.81
N TYR A 209 11.20 -15.82 -28.84
CA TYR A 209 11.43 -15.41 -27.45
C TYR A 209 12.56 -16.15 -26.75
N LYS A 210 13.63 -15.44 -26.42
CA LYS A 210 14.76 -16.08 -25.73
C LYS A 210 14.69 -15.90 -24.21
N GLY A 211 13.73 -15.11 -23.75
CA GLY A 211 13.60 -14.88 -22.32
C GLY A 211 13.84 -13.42 -22.01
N TRP A 212 13.64 -13.03 -20.75
CA TRP A 212 13.86 -11.65 -20.34
C TRP A 212 15.23 -11.52 -19.70
N GLU A 213 15.64 -10.30 -19.39
CA GLU A 213 16.93 -10.08 -18.76
C GLU A 213 16.91 -8.72 -18.08
N LYS A 214 17.81 -8.56 -17.10
CA LYS A 214 17.95 -7.33 -16.37
C LYS A 214 19.36 -7.24 -15.82
N GLU A 215 19.92 -6.04 -15.80
CA GLU A 215 21.24 -5.82 -15.26
C GLU A 215 21.02 -5.56 -13.76
N THR A 216 21.86 -6.16 -12.94
CA THR A 216 21.79 -5.99 -11.50
C THR A 216 23.22 -5.59 -11.14
N LYS A 217 23.50 -5.28 -9.88
CA LYS A 217 24.85 -4.86 -9.50
C LYS A 217 25.85 -6.01 -9.59
N ALA A 218 25.38 -7.24 -9.42
CA ALA A 218 26.26 -8.39 -9.45
C ALA A 218 26.45 -8.99 -10.85
N GLY A 219 25.52 -8.67 -11.76
CA GLY A 219 25.61 -9.20 -13.11
C GLY A 219 24.27 -9.18 -13.81
N VAL A 220 24.13 -9.98 -14.87
CA VAL A 220 22.89 -10.03 -15.61
C VAL A 220 22.06 -11.25 -15.23
N VAL A 221 20.80 -11.01 -14.89
CA VAL A 221 19.88 -12.06 -14.51
C VAL A 221 18.91 -12.28 -15.68
N LYS A 222 18.64 -13.54 -15.99
CA LYS A 222 17.72 -13.90 -17.08
C LYS A 222 16.71 -14.96 -16.65
N GLY A 223 15.55 -14.98 -17.31
CA GLY A 223 14.51 -15.96 -17.04
C GLY A 223 13.54 -15.98 -18.21
N LYS A 224 12.48 -16.77 -18.11
CA LYS A 224 11.48 -16.83 -19.19
C LYS A 224 10.12 -16.33 -18.73
N THR A 225 9.73 -16.69 -17.51
CA THR A 225 8.40 -16.33 -17.02
C THR A 225 8.29 -15.18 -16.04
N LEU A 226 7.05 -14.76 -15.84
CA LEU A 226 6.77 -13.67 -14.91
C LEU A 226 7.12 -14.16 -13.52
N LEU A 227 6.84 -15.42 -13.23
CA LEU A 227 7.14 -15.96 -11.90
C LEU A 227 8.64 -15.93 -11.62
N GLU A 228 9.47 -16.24 -12.62
CA GLU A 228 10.90 -16.21 -12.42
C GLU A 228 11.33 -14.76 -12.18
N ALA A 229 10.71 -13.83 -12.91
CA ALA A 229 11.00 -12.41 -12.75
C ALA A 229 10.73 -11.98 -11.32
N ILE A 230 9.60 -12.42 -10.78
CA ILE A 230 9.23 -12.06 -9.40
C ILE A 230 10.19 -12.73 -8.43
N ASP A 231 10.53 -13.98 -8.68
CA ASP A 231 11.43 -14.69 -7.80
C ASP A 231 12.84 -14.08 -7.84
N ALA A 232 13.14 -13.36 -8.93
CA ALA A 232 14.44 -12.73 -9.06
C ALA A 232 14.49 -11.36 -8.40
N ILE A 233 13.39 -10.92 -7.79
CA ILE A 233 13.39 -9.62 -7.13
C ILE A 233 14.47 -9.68 -6.06
N GLU A 234 15.23 -8.61 -5.92
CA GLU A 234 16.32 -8.57 -4.95
C GLU A 234 15.89 -8.31 -3.52
N GLN A 235 16.42 -9.14 -2.62
CA GLN A 235 16.14 -9.07 -1.20
C GLN A 235 16.43 -7.69 -0.62
N PRO A 236 15.40 -7.01 -0.08
CA PRO A 236 15.65 -5.68 0.50
C PRO A 236 16.01 -5.83 1.99
N SER A 237 16.78 -4.87 2.52
CA SER A 237 17.20 -4.93 3.92
C SER A 237 16.14 -4.35 4.84
N ARG A 238 15.75 -5.13 5.86
CA ARG A 238 14.72 -4.70 6.82
C ARG A 238 15.24 -3.99 8.07
N PRO A 239 14.48 -3.02 8.58
CA PRO A 239 14.73 -2.19 9.77
C PRO A 239 15.02 -2.87 11.11
N THR A 240 15.04 -4.19 11.19
CA THR A 240 15.31 -4.87 12.45
C THR A 240 16.40 -4.19 13.25
N ASP A 241 17.44 -3.76 12.55
CA ASP A 241 18.57 -3.14 13.21
C ASP A 241 18.47 -1.67 13.62
N LYS A 242 17.52 -0.92 13.07
CA LYS A 242 17.37 0.51 13.43
C LYS A 242 16.56 0.75 14.71
N PRO A 243 16.75 1.91 15.36
CA PRO A 243 16.00 2.22 16.57
C PRO A 243 14.48 1.94 16.42
N LEU A 244 13.81 1.71 17.54
CA LEU A 244 12.37 1.42 17.52
C LEU A 244 11.49 2.61 17.14
N ARG A 245 10.47 2.33 16.34
CA ARG A 245 9.49 3.34 15.89
C ARG A 245 8.16 2.63 15.70
N LEU A 246 7.17 2.98 16.52
CA LEU A 246 5.86 2.33 16.45
C LEU A 246 4.74 3.36 16.53
N PRO A 247 4.22 3.81 15.38
CA PRO A 247 3.14 4.81 15.36
C PRO A 247 1.87 4.23 15.94
N LEU A 248 1.22 4.96 16.84
CA LEU A 248 -0.02 4.47 17.45
C LEU A 248 -1.26 4.67 16.59
N GLN A 249 -2.08 3.63 16.54
CA GLN A 249 -3.32 3.66 15.77
C GLN A 249 -4.48 3.84 16.73
N ASP A 250 -4.33 3.26 17.92
CA ASP A 250 -5.36 3.29 18.95
C ASP A 250 -4.77 3.16 20.35
N VAL A 251 -5.55 3.56 21.35
CA VAL A 251 -5.14 3.48 22.74
C VAL A 251 -6.36 3.03 23.53
N TYR A 252 -6.26 1.89 24.19
CA TYR A 252 -7.37 1.34 24.97
C TYR A 252 -7.11 1.35 26.47
N LYS A 253 -8.21 1.41 27.23
CA LYS A 253 -8.15 1.36 28.68
C LYS A 253 -8.86 0.06 29.05
N ILE A 254 -8.07 -0.97 29.36
CA ILE A 254 -8.61 -2.29 29.72
C ILE A 254 -8.55 -2.54 31.22
N GLY A 255 -9.68 -2.92 31.81
CA GLY A 255 -9.74 -3.17 33.23
C GLY A 255 -8.83 -4.28 33.73
N GLY A 256 -8.12 -4.00 34.83
CA GLY A 256 -7.23 -4.99 35.41
C GLY A 256 -5.90 -5.13 34.70
N ILE A 257 -5.72 -4.34 33.64
CA ILE A 257 -4.48 -4.35 32.85
C ILE A 257 -3.94 -2.94 32.68
N GLY A 258 -4.83 -1.99 32.38
CA GLY A 258 -4.39 -0.61 32.22
C GLY A 258 -4.42 -0.05 30.81
N THR A 259 -3.45 0.80 30.49
CA THR A 259 -3.35 1.42 29.18
C THR A 259 -2.71 0.48 28.18
N VAL A 260 -3.37 0.30 27.04
CA VAL A 260 -2.86 -0.57 26.00
C VAL A 260 -2.88 0.08 24.62
N PRO A 261 -1.75 0.66 24.22
CA PRO A 261 -1.75 1.27 22.89
C PRO A 261 -1.53 0.15 21.88
N VAL A 262 -2.03 0.36 20.67
CA VAL A 262 -1.88 -0.61 19.58
C VAL A 262 -1.33 0.12 18.36
N GLY A 263 -0.40 -0.52 17.66
CA GLY A 263 0.18 0.09 16.48
C GLY A 263 1.06 -0.87 15.70
N ARG A 264 1.60 -0.41 14.58
CA ARG A 264 2.47 -1.25 13.78
C ARG A 264 3.93 -0.90 14.05
N VAL A 265 4.74 -1.94 14.29
CA VAL A 265 6.16 -1.74 14.51
C VAL A 265 6.73 -1.45 13.11
N GLU A 266 7.20 -0.24 12.89
CA GLU A 266 7.73 0.12 11.57
C GLU A 266 9.25 -0.13 11.48
N THR A 267 9.97 0.20 12.54
CA THR A 267 11.41 -0.05 12.59
C THR A 267 11.76 -0.57 13.98
N GLY A 268 12.87 -1.29 14.08
CA GLY A 268 13.28 -1.82 15.37
C GLY A 268 12.39 -2.92 15.89
N VAL A 269 12.56 -3.23 17.18
CA VAL A 269 11.79 -4.28 17.82
C VAL A 269 11.29 -3.81 19.18
N ILE A 270 10.10 -4.26 19.55
CA ILE A 270 9.57 -3.91 20.85
C ILE A 270 9.56 -5.20 21.67
N LYS A 271 9.98 -5.10 22.92
CA LYS A 271 10.03 -6.27 23.80
C LYS A 271 9.65 -5.86 25.19
N PRO A 272 9.12 -6.79 25.98
CA PRO A 272 8.74 -6.42 27.35
C PRO A 272 10.06 -6.15 28.09
N GLY A 273 10.09 -5.13 28.94
CA GLY A 273 11.31 -4.82 29.66
C GLY A 273 11.97 -3.57 29.11
N MET A 274 11.67 -3.21 27.87
CA MET A 274 12.26 -1.99 27.30
C MET A 274 11.59 -0.80 27.97
N VAL A 275 12.27 0.34 27.94
CA VAL A 275 11.70 1.57 28.48
C VAL A 275 11.49 2.43 27.25
N VAL A 276 10.23 2.75 26.94
CA VAL A 276 9.91 3.53 25.75
C VAL A 276 9.45 4.95 26.05
N THR A 277 9.40 5.75 24.99
CA THR A 277 8.96 7.14 25.07
C THR A 277 7.92 7.38 23.98
N PHE A 278 6.94 8.21 24.28
CA PHE A 278 5.90 8.54 23.30
C PHE A 278 6.05 9.99 22.90
N ALA A 279 6.31 10.22 21.62
CA ALA A 279 6.45 11.58 21.10
C ALA A 279 5.13 11.86 20.39
N PRO A 280 4.75 13.15 20.25
CA PRO A 280 5.42 14.36 20.72
C PRO A 280 5.21 14.72 22.19
N ALA A 281 4.36 13.96 22.89
CA ALA A 281 4.09 14.22 24.30
C ALA A 281 5.36 14.18 25.14
N GLY A 282 6.14 13.12 24.99
CA GLY A 282 7.37 13.00 25.75
C GLY A 282 7.24 12.12 26.98
N VAL A 283 6.20 11.31 27.01
CA VAL A 283 5.96 10.42 28.14
C VAL A 283 6.86 9.18 28.03
N THR A 284 7.45 8.76 29.15
CA THR A 284 8.33 7.60 29.17
C THR A 284 7.88 6.54 30.16
N THR A 285 7.92 5.27 29.75
CA THR A 285 7.49 4.20 30.64
C THR A 285 8.03 2.84 30.23
N GLU A 286 7.77 1.84 31.05
CA GLU A 286 8.24 0.49 30.78
C GLU A 286 7.19 -0.35 30.06
N VAL A 287 7.64 -1.21 29.14
CA VAL A 287 6.73 -2.09 28.42
C VAL A 287 6.50 -3.32 29.28
N LYS A 288 5.29 -3.48 29.80
CA LYS A 288 4.98 -4.63 30.66
C LYS A 288 4.90 -5.93 29.87
N SER A 289 4.13 -5.91 28.78
CA SER A 289 3.99 -7.10 27.94
C SER A 289 3.56 -6.68 26.55
N VAL A 290 3.66 -7.61 25.60
CA VAL A 290 3.30 -7.36 24.22
C VAL A 290 2.45 -8.52 23.70
N GLU A 291 1.41 -8.18 22.92
CA GLU A 291 0.52 -9.20 22.36
C GLU A 291 0.14 -8.88 20.92
N MET A 292 -0.13 -9.94 20.15
CA MET A 292 -0.52 -9.83 18.75
C MET A 292 -1.48 -10.96 18.48
N HIS A 293 -2.67 -10.64 17.98
CA HIS A 293 -3.67 -11.67 17.73
C HIS A 293 -3.90 -12.39 19.04
N HIS A 294 -3.69 -13.70 19.06
CA HIS A 294 -3.90 -14.50 20.27
C HIS A 294 -2.65 -14.69 21.13
N GLU A 295 -1.49 -14.71 20.50
CA GLU A 295 -0.24 -14.94 21.21
C GLU A 295 0.39 -13.74 21.91
N GLN A 296 1.02 -14.03 23.04
CA GLN A 296 1.75 -13.02 23.79
C GLN A 296 3.12 -13.14 23.13
N LEU A 297 3.83 -12.04 22.97
CA LEU A 297 5.12 -12.09 22.29
C LEU A 297 6.33 -11.80 23.16
N GLU A 298 7.48 -12.31 22.73
CA GLU A 298 8.72 -12.03 23.43
C GLU A 298 9.26 -10.80 22.72
N GLN A 299 8.76 -10.58 21.51
CA GLN A 299 9.17 -9.43 20.71
C GLN A 299 8.28 -9.18 19.50
N GLY A 300 8.09 -7.90 19.21
CA GLY A 300 7.29 -7.50 18.07
C GLY A 300 8.27 -6.94 17.05
N VAL A 301 8.33 -7.56 15.88
CA VAL A 301 9.25 -7.15 14.84
C VAL A 301 8.57 -6.29 13.77
N PRO A 302 9.38 -5.60 12.92
CA PRO A 302 8.85 -4.76 11.86
C PRO A 302 7.74 -5.45 11.06
N GLY A 303 6.57 -4.82 11.00
CA GLY A 303 5.46 -5.41 10.28
C GLY A 303 4.35 -5.88 11.21
N ASP A 304 4.72 -6.25 12.43
CA ASP A 304 3.74 -6.71 13.40
C ASP A 304 2.86 -5.58 13.92
N ASN A 305 1.55 -5.82 13.97
CA ASN A 305 0.63 -4.83 14.51
C ASN A 305 0.42 -5.39 15.91
N VAL A 306 1.02 -4.74 16.90
CA VAL A 306 0.92 -5.22 18.28
C VAL A 306 0.25 -4.30 19.27
N GLY A 307 -0.21 -4.92 20.34
CA GLY A 307 -0.81 -4.16 21.42
C GLY A 307 0.16 -4.39 22.56
N PHE A 308 0.47 -3.35 23.33
CA PHE A 308 1.37 -3.53 24.46
C PHE A 308 0.83 -2.77 25.68
N ASN A 309 1.14 -3.28 26.87
CA ASN A 309 0.65 -2.68 28.10
C ASN A 309 1.71 -1.86 28.83
N VAL A 310 1.36 -0.62 29.18
CA VAL A 310 2.26 0.28 29.92
C VAL A 310 1.53 0.85 31.13
N LYS A 311 2.28 1.23 32.16
CA LYS A 311 1.71 1.75 33.38
C LYS A 311 1.95 3.24 33.60
N ASN A 312 1.09 3.86 34.40
CA ASN A 312 1.17 5.28 34.72
C ASN A 312 1.22 6.13 33.49
N VAL A 313 0.15 5.95 32.74
CA VAL A 313 -0.09 6.65 31.52
C VAL A 313 -1.56 6.57 31.29
N SER A 314 -2.26 7.65 31.56
CA SER A 314 -3.66 7.61 31.30
C SER A 314 -3.71 7.54 29.77
N VAL A 315 -4.73 6.86 29.27
CA VAL A 315 -4.95 6.73 27.85
C VAL A 315 -5.03 8.15 27.30
N LYS A 316 -5.50 9.05 28.16
CA LYS A 316 -5.66 10.45 27.81
C LYS A 316 -4.36 11.15 27.42
N GLU A 317 -3.22 10.68 27.94
CA GLU A 317 -1.96 11.34 27.62
C GLU A 317 -1.19 10.87 26.40
N ILE A 318 -1.74 9.89 25.67
CA ILE A 318 -1.12 9.43 24.44
C ILE A 318 -2.26 9.15 23.50
N ARG A 319 -2.08 9.44 22.21
CA ARG A 319 -3.15 9.23 21.25
C ARG A 319 -2.66 8.78 19.89
N ARG A 320 -3.61 8.46 19.03
CA ARG A 320 -3.32 8.04 17.67
C ARG A 320 -2.44 9.14 17.08
N GLY A 321 -1.46 8.75 16.28
CA GLY A 321 -0.60 9.74 15.67
C GLY A 321 0.70 9.91 16.44
N ASN A 322 0.67 9.64 17.73
CA ASN A 322 1.89 9.74 18.54
C ASN A 322 2.78 8.58 18.11
N VAL A 323 4.09 8.72 18.32
CA VAL A 323 5.03 7.68 17.96
C VAL A 323 5.77 7.09 19.16
N CYS A 324 5.72 5.78 19.30
CA CYS A 324 6.42 5.12 20.41
C CYS A 324 7.79 4.70 19.92
N GLY A 325 8.79 4.91 20.77
CA GLY A 325 10.15 4.55 20.42
C GLY A 325 10.95 4.18 21.66
N ASP A 326 12.19 3.78 21.45
CA ASP A 326 13.09 3.38 22.52
C ASP A 326 13.69 4.61 23.18
N ALA A 327 13.56 4.70 24.50
CA ALA A 327 14.09 5.85 25.23
C ALA A 327 15.62 5.84 25.34
N LYS A 328 16.25 4.71 25.02
CA LYS A 328 17.71 4.59 25.11
C LYS A 328 18.36 4.26 23.78
N ASN A 329 17.77 4.73 22.69
CA ASN A 329 18.31 4.46 21.37
C ASN A 329 17.60 5.39 20.42
N ASP A 330 18.08 6.63 20.38
CA ASP A 330 17.52 7.66 19.51
C ASP A 330 16.00 7.75 19.68
N PRO A 331 15.55 8.17 20.87
CA PRO A 331 14.12 8.30 21.16
C PRO A 331 13.43 9.30 20.23
N PRO A 332 12.17 9.01 19.85
CA PRO A 332 11.43 9.91 18.96
C PRO A 332 11.16 11.25 19.62
N LYS A 333 11.06 12.31 18.81
CA LYS A 333 10.81 13.64 19.31
C LYS A 333 9.87 14.41 18.41
N GLY A 334 9.24 15.46 18.97
CA GLY A 334 8.36 16.28 18.17
C GLY A 334 9.29 17.16 17.36
N CYS A 335 8.75 18.02 16.52
CA CYS A 335 9.60 18.89 15.71
C CYS A 335 9.03 20.30 15.60
N ALA A 336 9.90 21.26 15.35
CA ALA A 336 9.46 22.64 15.19
C ALA A 336 9.06 22.80 13.73
N SER A 337 9.71 21.99 12.89
CA SER A 337 9.46 22.03 11.46
C SER A 337 10.27 20.94 10.78
N PHE A 338 9.98 20.71 9.51
CA PHE A 338 10.71 19.72 8.76
C PHE A 338 10.73 20.13 7.30
N ASN A 339 11.83 19.85 6.62
CA ASN A 339 11.98 20.21 5.22
C ASN A 339 11.86 18.95 4.39
N ALA A 340 11.03 18.99 3.35
CA ALA A 340 10.82 17.81 2.52
C ALA A 340 10.66 18.10 1.03
N THR A 341 11.05 17.12 0.22
CA THR A 341 10.91 17.24 -1.21
C THR A 341 9.48 16.84 -1.50
N VAL A 342 8.76 17.74 -2.15
CA VAL A 342 7.36 17.56 -2.49
C VAL A 342 7.19 17.46 -4.00
N ILE A 343 6.46 16.44 -4.44
CA ILE A 343 6.20 16.23 -5.86
C ILE A 343 4.72 16.57 -6.00
N VAL A 344 4.39 17.55 -6.84
CA VAL A 344 2.99 17.94 -7.00
C VAL A 344 2.33 17.08 -8.07
N LEU A 345 1.22 16.43 -7.70
CA LEU A 345 0.49 15.57 -8.63
C LEU A 345 -0.47 16.44 -9.44
N ASN A 346 -1.07 15.87 -10.47
CA ASN A 346 -2.02 16.62 -11.28
C ASN A 346 -3.24 16.95 -10.43
N HIS A 347 -3.56 18.23 -10.31
CA HIS A 347 -4.74 18.65 -9.58
C HIS A 347 -5.13 20.04 -10.04
N PRO A 348 -6.43 20.37 -9.91
CA PRO A 348 -6.95 21.67 -10.31
C PRO A 348 -6.53 22.81 -9.39
N GLY A 349 -5.23 23.14 -9.37
CA GLY A 349 -4.79 24.22 -8.51
C GLY A 349 -3.30 24.52 -8.58
N GLN A 350 -2.87 25.53 -7.83
CA GLN A 350 -1.48 25.93 -7.77
C GLN A 350 -1.12 26.28 -6.32
N ILE A 351 0.07 25.87 -5.89
CA ILE A 351 0.54 26.05 -4.51
C ILE A 351 1.47 27.23 -4.24
N SER A 352 1.12 28.04 -3.26
CA SER A 352 1.94 29.20 -2.88
C SER A 352 2.31 29.09 -1.41
N ALA A 353 3.41 29.72 -1.01
CA ALA A 353 3.84 29.69 0.38
C ALA A 353 2.64 30.12 1.23
N GLY A 354 2.45 29.47 2.37
CA GLY A 354 1.32 29.80 3.23
C GLY A 354 0.26 28.72 3.15
N TYR A 355 0.26 27.97 2.05
CA TYR A 355 -0.67 26.87 1.82
C TYR A 355 -0.56 25.95 3.05
N SER A 356 -1.69 25.56 3.62
CA SER A 356 -1.68 24.74 4.82
C SER A 356 -2.70 23.58 4.82
N PRO A 357 -2.52 22.61 3.91
CA PRO A 357 -3.44 21.47 3.83
C PRO A 357 -3.11 20.40 4.86
N VAL A 358 -4.02 19.44 4.99
CA VAL A 358 -3.81 18.34 5.93
C VAL A 358 -2.77 17.40 5.34
N LEU A 359 -1.86 16.93 6.20
CA LEU A 359 -0.84 15.97 5.79
C LEU A 359 -1.05 14.66 6.55
N ASP A 360 -0.96 13.55 5.83
CA ASP A 360 -1.08 12.24 6.46
C ASP A 360 0.33 11.65 6.45
N CYS A 361 0.87 11.40 7.64
CA CYS A 361 2.22 10.82 7.80
C CYS A 361 2.04 9.74 8.87
N HIS A 362 2.40 8.50 8.53
CA HIS A 362 2.17 7.34 9.39
C HIS A 362 0.75 7.47 9.96
N THR A 363 0.56 7.44 11.27
CA THR A 363 -0.80 7.55 11.79
C THR A 363 -1.22 8.96 12.17
N ALA A 364 -0.42 9.95 11.79
CA ALA A 364 -0.72 11.34 12.11
C ALA A 364 -1.54 11.98 10.98
N HIS A 365 -2.46 12.87 11.36
CA HIS A 365 -3.34 13.57 10.42
C HIS A 365 -3.29 15.02 10.89
N ILE A 366 -2.33 15.78 10.37
CA ILE A 366 -2.15 17.17 10.80
C ILE A 366 -1.94 18.18 9.68
N ALA A 367 -2.56 19.35 9.83
CA ALA A 367 -2.41 20.40 8.82
C ALA A 367 -1.03 21.03 9.03
N CYS A 368 -0.25 21.11 7.97
CA CYS A 368 1.09 21.69 8.08
C CYS A 368 1.25 22.81 7.07
N ARG A 369 1.85 23.92 7.50
CA ARG A 369 2.03 25.03 6.60
C ARG A 369 3.22 24.88 5.69
N PHE A 370 3.01 25.21 4.42
CA PHE A 370 4.09 25.22 3.43
C PHE A 370 4.71 26.59 3.78
N ASP A 371 5.50 26.61 4.85
CA ASP A 371 6.11 27.84 5.33
C ASP A 371 6.97 28.55 4.31
N GLU A 372 7.82 27.80 3.62
CA GLU A 372 8.69 28.39 2.59
C GLU A 372 8.93 27.43 1.43
N LEU A 373 8.95 27.98 0.23
CA LEU A 373 9.23 27.19 -0.96
C LEU A 373 10.71 27.47 -1.18
N LEU A 374 11.53 26.59 -0.64
CA LEU A 374 12.98 26.74 -0.70
C LEU A 374 13.60 26.60 -2.09
N GLU A 375 13.31 25.51 -2.80
CA GLU A 375 13.86 25.29 -4.13
C GLU A 375 12.92 24.50 -5.05
N LYS A 376 13.15 24.62 -6.35
CA LYS A 376 12.41 23.81 -7.32
C LYS A 376 13.55 22.96 -7.88
N ASN A 377 13.33 21.65 -7.98
CA ASN A 377 14.37 20.74 -8.44
C ASN A 377 14.01 19.89 -9.65
N ASP A 378 15.04 19.44 -10.35
CA ASP A 378 14.79 18.52 -11.46
C ASP A 378 14.35 17.29 -10.65
N ARG A 379 13.17 16.78 -10.93
CA ARG A 379 12.65 15.65 -10.16
C ARG A 379 13.54 14.41 -10.08
N ARG A 380 13.98 13.91 -11.22
CA ARG A 380 14.80 12.70 -11.25
C ARG A 380 16.21 12.82 -10.67
N SER A 381 16.93 13.89 -11.01
CA SER A 381 18.29 14.06 -10.51
C SER A 381 18.36 14.74 -9.16
N GLY A 382 17.40 15.64 -8.89
CA GLY A 382 17.39 16.35 -7.63
C GLY A 382 18.14 17.66 -7.74
N LYS A 383 18.71 17.92 -8.91
CA LYS A 383 19.45 19.17 -9.15
C LYS A 383 18.58 20.42 -8.93
N LYS A 384 19.11 21.38 -8.19
CA LYS A 384 18.38 22.62 -7.92
C LYS A 384 18.23 23.45 -9.19
N LEU A 385 16.98 23.73 -9.57
CA LEU A 385 16.72 24.51 -10.76
C LEU A 385 16.59 25.99 -10.42
N GLU A 386 16.06 26.29 -9.23
CA GLU A 386 15.93 27.68 -8.82
C GLU A 386 15.72 27.79 -7.31
N ASP A 387 16.17 28.91 -6.76
CA ASP A 387 16.01 29.18 -5.33
C ASP A 387 14.72 29.95 -5.15
N HIS A 388 13.98 29.61 -4.10
CA HIS A 388 12.73 30.26 -3.76
C HIS A 388 11.71 30.50 -4.86
N PRO A 389 11.21 29.40 -5.46
CA PRO A 389 10.22 29.56 -6.52
C PRO A 389 9.02 30.27 -5.89
N LYS A 390 8.23 30.96 -6.69
CA LYS A 390 7.10 31.70 -6.16
C LYS A 390 5.81 30.88 -6.08
N PHE A 391 5.82 29.68 -6.66
CA PHE A 391 4.65 28.83 -6.62
C PHE A 391 5.00 27.48 -7.23
N LEU A 392 4.14 26.50 -6.97
CA LEU A 392 4.34 25.17 -7.50
C LEU A 392 3.11 24.81 -8.32
N LYS A 393 3.30 24.04 -9.39
CA LYS A 393 2.19 23.61 -10.23
C LYS A 393 2.38 22.10 -10.39
N SER A 394 1.37 21.42 -10.93
CA SER A 394 1.45 19.97 -11.12
C SER A 394 2.75 19.58 -11.82
N GLY A 395 3.35 18.47 -11.38
CA GLY A 395 4.59 18.01 -11.99
C GLY A 395 5.87 18.50 -11.34
N ASP A 396 5.82 19.64 -10.64
CA ASP A 396 7.02 20.18 -10.00
C ASP A 396 7.53 19.35 -8.83
N ALA A 397 8.86 19.30 -8.69
CA ALA A 397 9.52 18.63 -7.57
C ALA A 397 10.21 19.78 -6.86
N ALA A 398 9.99 19.92 -5.55
CA ALA A 398 10.57 21.03 -4.80
C ALA A 398 10.86 20.74 -3.34
N LEU A 399 11.82 21.49 -2.78
CA LEU A 399 12.18 21.37 -1.37
C LEU A 399 11.29 22.40 -0.65
N VAL A 400 10.55 21.95 0.35
CA VAL A 400 9.64 22.82 1.10
C VAL A 400 9.84 22.72 2.61
N LYS A 401 9.73 23.85 3.29
CA LYS A 401 9.85 23.90 4.75
C LYS A 401 8.43 23.82 5.31
N PHE A 402 8.17 22.78 6.10
CA PHE A 402 6.86 22.60 6.71
C PHE A 402 6.83 22.93 8.20
N VAL A 403 5.75 23.56 8.63
CA VAL A 403 5.56 23.88 10.04
C VAL A 403 4.22 23.27 10.43
N PRO A 404 4.25 22.20 11.24
CA PRO A 404 3.02 21.52 11.69
C PRO A 404 2.18 22.41 12.62
N SER A 405 0.86 22.35 12.45
CA SER A 405 -0.06 23.13 13.26
C SER A 405 -0.25 22.52 14.66
N LYS A 406 0.07 21.24 14.79
CA LYS A 406 -0.06 20.55 16.08
C LYS A 406 1.25 19.82 16.36
N PRO A 407 1.51 19.48 17.63
CA PRO A 407 2.75 18.76 17.94
C PRO A 407 2.83 17.57 16.99
N MET A 408 3.99 17.33 16.40
CA MET A 408 4.12 16.25 15.43
C MET A 408 5.48 15.57 15.44
N CYS A 409 5.47 14.25 15.28
CA CYS A 409 6.69 13.46 15.23
C CYS A 409 6.92 12.85 13.86
N VAL A 410 7.94 13.34 13.16
CA VAL A 410 8.28 12.81 11.84
C VAL A 410 9.77 12.49 11.81
N GLU A 411 10.21 11.78 10.77
CA GLU A 411 11.61 11.41 10.61
C GLU A 411 12.08 11.66 9.18
N ALA A 412 13.39 11.70 9.00
CA ALA A 412 13.92 11.88 7.66
C ALA A 412 13.69 10.53 6.97
N PHE A 413 13.28 10.59 5.72
CA PHE A 413 13.03 9.36 4.96
C PHE A 413 14.25 8.43 4.95
N SER A 414 15.44 9.02 4.91
CA SER A 414 16.67 8.24 4.88
C SER A 414 16.85 7.36 6.12
N GLU A 415 16.53 7.89 7.30
CA GLU A 415 16.69 7.14 8.54
C GLU A 415 15.51 6.23 8.87
N TYR A 416 14.30 6.77 8.85
CA TYR A 416 13.09 6.00 9.16
C TYR A 416 12.03 6.20 8.07
N PRO A 417 12.14 5.45 6.96
CA PRO A 417 11.22 5.51 5.82
C PRO A 417 9.73 5.60 6.11
N PRO A 418 9.18 4.70 6.94
CA PRO A 418 7.74 4.75 7.26
C PRO A 418 7.25 6.04 7.93
N LEU A 419 8.17 6.81 8.52
CA LEU A 419 7.80 8.07 9.16
C LEU A 419 8.41 9.25 8.40
N GLY A 420 8.89 8.98 7.20
CA GLY A 420 9.51 10.02 6.40
C GLY A 420 8.80 10.31 5.08
N ARG A 421 7.67 9.66 4.85
CA ARG A 421 6.92 9.89 3.63
C ARG A 421 5.50 10.32 4.02
N PHE A 422 4.91 11.21 3.24
CA PHE A 422 3.57 11.68 3.57
C PHE A 422 2.73 12.03 2.35
N ALA A 423 1.42 12.14 2.57
CA ALA A 423 0.47 12.47 1.52
C ALA A 423 -0.15 13.82 1.86
N VAL A 424 -0.30 14.68 0.86
CA VAL A 424 -0.91 16.00 1.05
C VAL A 424 -2.33 15.94 0.49
N ARG A 425 -3.31 16.15 1.34
CA ARG A 425 -4.71 16.07 0.93
C ARG A 425 -5.41 17.41 0.63
N ASP A 426 -6.18 17.44 -0.44
CA ASP A 426 -6.95 18.63 -0.82
C ASP A 426 -7.82 18.31 -2.04
N MET A 427 -8.92 19.03 -2.18
CA MET A 427 -9.83 18.81 -3.30
C MET A 427 -10.28 17.36 -3.43
N ARG A 428 -10.56 16.72 -2.30
CA ARG A 428 -11.02 15.33 -2.29
C ARG A 428 -10.01 14.40 -2.97
N GLN A 429 -8.73 14.74 -2.84
CA GLN A 429 -7.69 13.92 -3.45
C GLN A 429 -6.34 14.19 -2.81
N THR A 430 -5.37 13.33 -3.13
CA THR A 430 -4.01 13.51 -2.66
C THR A 430 -3.48 14.40 -3.77
N VAL A 431 -3.03 15.61 -3.42
CA VAL A 431 -2.53 16.54 -4.43
C VAL A 431 -1.02 16.55 -4.53
N ALA A 432 -0.37 15.93 -3.55
CA ALA A 432 1.09 15.85 -3.51
C ALA A 432 1.61 14.74 -2.60
N VAL A 433 2.86 14.34 -2.84
CA VAL A 433 3.52 13.31 -2.03
C VAL A 433 4.86 13.86 -1.56
N GLY A 434 5.14 13.73 -0.27
CA GLY A 434 6.40 14.25 0.24
C GLY A 434 7.35 13.23 0.83
N VAL A 435 8.63 13.56 0.74
CA VAL A 435 9.70 12.74 1.29
C VAL A 435 10.50 13.71 2.16
N ILE A 436 10.47 13.50 3.47
CA ILE A 436 11.15 14.36 4.44
C ILE A 436 12.68 14.24 4.33
N LYS A 437 13.34 15.38 4.15
CA LYS A 437 14.80 15.43 4.00
C LYS A 437 15.57 15.89 5.24
N SER A 438 14.93 16.66 6.11
CA SER A 438 15.60 17.09 7.33
C SER A 438 14.53 17.41 8.36
N VAL A 439 14.88 17.31 9.63
CA VAL A 439 13.92 17.59 10.69
C VAL A 439 14.57 18.43 11.77
N ASP A 440 13.90 19.51 12.15
CA ASP A 440 14.40 20.36 13.20
C ASP A 440 13.72 19.83 14.43
N LYS A 441 14.42 18.96 15.12
CA LYS A 441 13.84 18.35 16.28
C LYS A 441 13.65 19.21 17.48
N THR A 442 12.89 18.63 18.40
CA THR A 442 12.49 19.35 19.56
C THR A 442 13.07 18.92 20.89
N GLU A 443 13.76 19.87 21.49
CA GLU A 443 14.38 19.66 22.78
C GLU A 443 13.99 20.79 23.70
N PRO B 5 -18.97 -1.72 -17.93
CA PRO B 5 -19.17 -1.88 -16.47
C PRO B 5 -18.28 -0.96 -15.63
N ALA B 6 -18.78 -0.58 -14.46
CA ALA B 6 -18.08 0.34 -13.56
C ALA B 6 -16.90 -0.24 -12.78
N ALA B 7 -15.87 0.59 -12.59
CA ALA B 7 -14.68 0.18 -11.86
C ALA B 7 -14.99 -0.05 -10.39
N LYS B 8 -14.45 -1.13 -9.83
CA LYS B 8 -14.68 -1.47 -8.44
C LYS B 8 -13.39 -1.85 -7.72
N SER B 9 -13.43 -1.78 -6.39
CA SER B 9 -12.31 -2.15 -5.55
C SER B 9 -12.91 -2.91 -4.38
N ILE B 10 -12.22 -3.94 -3.89
CA ILE B 10 -12.72 -4.67 -2.73
C ILE B 10 -11.85 -4.17 -1.56
N VAL B 11 -12.52 -3.71 -0.50
CA VAL B 11 -11.83 -3.16 0.66
C VAL B 11 -12.11 -3.92 1.96
N THR B 12 -11.10 -4.05 2.81
CA THR B 12 -11.29 -4.71 4.10
C THR B 12 -11.04 -3.64 5.16
N LEU B 13 -12.09 -3.24 5.85
CA LEU B 13 -11.96 -2.21 6.88
C LEU B 13 -11.83 -2.79 8.28
N ASP B 14 -10.94 -2.20 9.06
CA ASP B 14 -10.76 -2.57 10.46
C ASP B 14 -11.52 -1.50 11.23
N VAL B 15 -12.44 -1.90 12.09
CA VAL B 15 -13.20 -0.94 12.87
C VAL B 15 -12.88 -1.29 14.33
N LYS B 16 -12.26 -0.35 15.03
CA LYS B 16 -11.84 -0.57 16.41
C LYS B 16 -12.80 -0.04 17.49
N PRO B 17 -13.03 -0.83 18.54
CA PRO B 17 -13.93 -0.41 19.62
C PRO B 17 -13.18 0.48 20.61
N TRP B 18 -13.88 0.87 21.68
CA TRP B 18 -13.27 1.72 22.70
C TRP B 18 -12.57 0.87 23.75
N ASP B 19 -13.10 -0.32 24.02
CA ASP B 19 -12.49 -1.22 24.98
C ASP B 19 -12.95 -2.65 24.77
N ASP B 20 -12.54 -3.55 25.67
CA ASP B 20 -12.89 -4.96 25.57
C ASP B 20 -14.35 -5.25 25.92
N GLU B 21 -15.08 -4.22 26.32
CA GLU B 21 -16.49 -4.41 26.68
C GLU B 21 -17.46 -3.91 25.62
N THR B 22 -16.95 -3.20 24.62
CA THR B 22 -17.81 -2.66 23.55
C THR B 22 -18.67 -3.72 22.87
N ASN B 23 -19.96 -3.43 22.71
CA ASN B 23 -20.89 -4.36 22.05
C ASN B 23 -20.51 -4.42 20.57
N LEU B 24 -19.82 -5.49 20.19
CA LEU B 24 -19.36 -5.64 18.82
C LEU B 24 -20.48 -5.97 17.84
N GLU B 25 -21.53 -6.64 18.32
CA GLU B 25 -22.64 -6.96 17.43
C GLU B 25 -23.33 -5.65 17.02
N GLU B 26 -23.57 -4.78 17.99
CA GLU B 26 -24.21 -3.50 17.65
C GLU B 26 -23.28 -2.74 16.71
N MET B 27 -21.99 -2.76 17.00
CA MET B 27 -21.02 -2.05 16.18
C MET B 27 -21.07 -2.47 14.70
N VAL B 28 -21.10 -3.78 14.43
CA VAL B 28 -21.15 -4.25 13.05
C VAL B 28 -22.50 -4.00 12.40
N ALA B 29 -23.57 -4.04 13.19
CA ALA B 29 -24.90 -3.77 12.65
C ALA B 29 -24.99 -2.30 12.21
N ASN B 30 -24.33 -1.43 12.97
CA ASN B 30 -24.33 -0.01 12.67
C ASN B 30 -23.54 0.21 11.38
N VAL B 31 -22.47 -0.56 11.18
CA VAL B 31 -21.71 -0.41 9.95
C VAL B 31 -22.52 -0.90 8.75
N LYS B 32 -23.13 -2.08 8.88
CA LYS B 32 -23.90 -2.64 7.79
C LYS B 32 -25.17 -1.86 7.43
N ALA B 33 -25.68 -1.08 8.39
CA ALA B 33 -26.87 -0.27 8.17
C ALA B 33 -26.57 0.88 7.21
N ILE B 34 -25.29 1.26 7.15
CA ILE B 34 -24.85 2.33 6.25
C ILE B 34 -25.17 1.95 4.81
N GLU B 35 -26.01 2.75 4.16
CA GLU B 35 -26.42 2.50 2.79
C GLU B 35 -25.96 3.59 1.83
N MET B 36 -25.26 3.18 0.76
CA MET B 36 -24.78 4.12 -0.25
C MET B 36 -24.85 3.40 -1.58
N GLU B 37 -25.09 4.17 -2.64
CA GLU B 37 -25.16 3.59 -3.98
C GLU B 37 -23.77 3.12 -4.39
N GLY B 38 -23.66 1.88 -4.83
CA GLY B 38 -22.37 1.37 -5.25
C GLY B 38 -21.59 0.71 -4.13
N LEU B 39 -22.21 0.62 -2.95
CA LEU B 39 -21.59 -0.01 -1.79
C LEU B 39 -22.24 -1.35 -1.51
N THR B 40 -21.41 -2.39 -1.43
CA THR B 40 -21.86 -3.75 -1.11
C THR B 40 -21.07 -4.27 0.09
N TRP B 41 -21.77 -4.54 1.20
CA TRP B 41 -21.12 -5.06 2.40
C TRP B 41 -20.84 -6.55 2.20
N GLY B 42 -19.70 -7.01 2.72
CA GLY B 42 -19.34 -8.41 2.57
C GLY B 42 -19.18 -9.13 3.90
N ALA B 43 -18.32 -10.14 3.92
CA ALA B 43 -18.09 -10.94 5.12
C ALA B 43 -17.33 -10.20 6.20
N HIS B 44 -17.55 -10.58 7.45
CA HIS B 44 -16.85 -9.92 8.54
C HIS B 44 -16.55 -10.92 9.64
N GLN B 45 -15.53 -10.61 10.43
CA GLN B 45 -15.14 -11.45 11.54
C GLN B 45 -14.64 -10.53 12.65
N PHE B 46 -14.74 -10.99 13.89
CA PHE B 46 -14.23 -10.21 15.00
C PHE B 46 -12.86 -10.84 15.29
N ILE B 47 -11.81 -10.05 15.09
CA ILE B 47 -10.43 -10.50 15.25
C ILE B 47 -9.75 -9.97 16.51
N PRO B 48 -9.21 -10.88 17.34
CA PRO B 48 -8.52 -10.45 18.56
C PRO B 48 -7.27 -9.65 18.23
N ILE B 49 -6.99 -8.59 18.97
CA ILE B 49 -5.80 -7.80 18.72
C ILE B 49 -4.92 -7.77 19.97
N GLY B 50 -5.30 -8.58 20.96
CA GLY B 50 -4.55 -8.65 22.19
C GLY B 50 -5.28 -8.10 23.40
N PHE B 51 -4.88 -8.58 24.58
CA PHE B 51 -5.45 -8.13 25.85
C PHE B 51 -6.98 -8.22 25.95
N GLY B 52 -7.58 -9.13 25.21
CA GLY B 52 -9.02 -9.29 25.24
C GLY B 52 -9.79 -8.40 24.29
N ILE B 53 -9.10 -7.51 23.59
CA ILE B 53 -9.75 -6.60 22.65
C ILE B 53 -9.93 -7.26 21.29
N LYS B 54 -11.10 -7.09 20.69
CA LYS B 54 -11.38 -7.65 19.37
C LYS B 54 -11.82 -6.53 18.44
N LYS B 55 -11.24 -6.48 17.24
CA LYS B 55 -11.62 -5.47 16.26
C LYS B 55 -12.58 -6.10 15.27
N LEU B 56 -13.28 -5.27 14.53
CA LEU B 56 -14.20 -5.75 13.53
C LEU B 56 -13.44 -5.61 12.22
N GLN B 57 -13.39 -6.70 11.46
CA GLN B 57 -12.74 -6.67 10.16
C GLN B 57 -13.86 -7.02 9.22
N ILE B 58 -14.21 -6.10 8.34
CA ILE B 58 -15.31 -6.31 7.43
C ILE B 58 -14.97 -5.97 5.97
N ASN B 59 -15.45 -6.80 5.05
CA ASN B 59 -15.21 -6.57 3.63
C ASN B 59 -16.32 -5.74 3.05
N CYS B 60 -16.02 -5.07 1.97
CA CYS B 60 -17.02 -4.29 1.25
C CYS B 60 -16.50 -4.09 -0.15
N VAL B 61 -17.41 -4.02 -1.13
CA VAL B 61 -17.02 -3.79 -2.50
C VAL B 61 -17.63 -2.46 -2.90
N VAL B 62 -16.79 -1.55 -3.40
CA VAL B 62 -17.26 -0.23 -3.80
C VAL B 62 -16.99 0.15 -5.24
N GLU B 63 -17.92 0.92 -5.81
CA GLU B 63 -17.74 1.42 -7.15
C GLU B 63 -16.90 2.67 -6.90
N ASP B 64 -15.71 2.70 -7.51
CA ASP B 64 -14.76 3.80 -7.32
C ASP B 64 -15.35 5.19 -7.51
N ASP B 65 -16.14 5.36 -8.56
CA ASP B 65 -16.74 6.65 -8.86
C ASP B 65 -17.93 7.07 -8.00
N LYS B 66 -18.46 6.14 -7.21
CA LYS B 66 -19.63 6.46 -6.40
C LYS B 66 -19.43 6.45 -4.90
N VAL B 67 -18.46 5.69 -4.41
CA VAL B 67 -18.26 5.59 -2.98
C VAL B 67 -16.92 6.10 -2.47
N SER B 68 -16.96 7.20 -1.74
CA SER B 68 -15.76 7.78 -1.14
C SER B 68 -15.41 6.99 0.11
N LEU B 69 -14.21 6.42 0.15
CA LEU B 69 -13.79 5.64 1.32
C LEU B 69 -13.50 6.55 2.49
N ASP B 70 -13.04 7.77 2.20
CA ASP B 70 -12.75 8.77 3.22
C ASP B 70 -14.09 9.04 3.93
N ASP B 71 -15.11 9.30 3.14
CA ASP B 71 -16.45 9.58 3.65
C ASP B 71 -16.99 8.36 4.41
N LEU B 72 -16.82 7.18 3.82
CA LEU B 72 -17.31 5.94 4.44
C LEU B 72 -16.65 5.74 5.79
N GLN B 73 -15.35 5.94 5.86
CA GLN B 73 -14.65 5.79 7.12
C GLN B 73 -15.19 6.81 8.13
N GLN B 74 -15.34 8.06 7.68
CA GLN B 74 -15.86 9.11 8.54
C GLN B 74 -17.28 8.81 9.04
N SER B 75 -18.11 8.24 8.17
CA SER B 75 -19.48 7.92 8.55
C SER B 75 -19.52 6.85 9.62
N ILE B 76 -18.69 5.82 9.46
CA ILE B 76 -18.64 4.76 10.44
C ILE B 76 -18.22 5.35 11.77
N GLU B 77 -17.19 6.20 11.74
CA GLU B 77 -16.67 6.82 12.94
C GLU B 77 -17.66 7.75 13.64
N GLU B 78 -18.82 7.97 13.05
CA GLU B 78 -19.81 8.81 13.70
C GLU B 78 -20.43 8.05 14.86
N ASP B 79 -20.40 6.71 14.79
CA ASP B 79 -20.94 5.86 15.84
C ASP B 79 -19.93 5.83 16.99
N GLU B 80 -19.72 7.00 17.59
CA GLU B 80 -18.79 7.19 18.69
C GLU B 80 -18.96 6.26 19.86
N ASP B 81 -20.19 5.89 20.16
CA ASP B 81 -20.45 5.00 21.29
C ASP B 81 -19.78 3.63 21.16
N HIS B 82 -19.48 3.22 19.92
CA HIS B 82 -18.84 1.92 19.69
C HIS B 82 -17.49 1.99 19.00
N VAL B 83 -17.31 2.95 18.10
CA VAL B 83 -16.10 3.07 17.31
C VAL B 83 -15.05 4.09 17.76
N GLN B 84 -13.82 3.63 17.94
CA GLN B 84 -12.71 4.51 18.33
C GLN B 84 -12.05 5.04 17.06
N SER B 85 -11.94 4.17 16.05
CA SER B 85 -11.34 4.53 14.78
C SER B 85 -11.55 3.43 13.75
N THR B 86 -11.14 3.71 12.52
CA THR B 86 -11.21 2.76 11.43
C THR B 86 -9.93 2.91 10.62
N ASP B 87 -9.49 1.81 10.03
CA ASP B 87 -8.30 1.79 9.20
C ASP B 87 -8.56 0.82 8.07
N ILE B 88 -7.81 0.97 6.98
CA ILE B 88 -7.94 0.09 5.84
C ILE B 88 -6.94 -1.05 6.01
N ALA B 89 -7.45 -2.25 6.26
CA ALA B 89 -6.58 -3.40 6.45
C ALA B 89 -5.97 -3.81 5.12
N ALA B 90 -6.70 -3.56 4.05
CA ALA B 90 -6.21 -3.90 2.72
C ALA B 90 -7.26 -3.53 1.69
N MET B 91 -6.83 -3.31 0.45
CA MET B 91 -7.75 -3.00 -0.62
C MET B 91 -7.15 -3.46 -1.93
N GLN B 92 -8.00 -3.95 -2.82
CA GLN B 92 -7.57 -4.47 -4.12
C GLN B 92 -8.54 -4.02 -5.20
N LYS B 93 -8.05 -4.01 -6.43
CA LYS B 93 -8.89 -3.69 -7.57
C LYS B 93 -9.67 -4.98 -7.85
N LEU B 94 -10.81 -4.87 -8.52
CA LEU B 94 -11.58 -6.05 -8.90
C LEU B 94 -11.63 -6.07 -10.43
#